data_2OT3
#
_entry.id   2OT3
#
_cell.length_a   71.897
_cell.length_b   113.400
_cell.length_c   60.533
_cell.angle_alpha   90.00
_cell.angle_beta   90.00
_cell.angle_gamma   90.00
#
_symmetry.space_group_name_H-M   'P 21 21 2'
#
loop_
_entity.id
_entity.type
_entity.pdbx_description
1 polymer 'Rab5 GDP/GTP exchange factor'
2 polymer 'Ras-related protein Rab-21'
3 water water
#
loop_
_entity_poly.entity_id
_entity_poly.type
_entity_poly.pdbx_seq_one_letter_code
_entity_poly.pdbx_strand_id
1 'polypeptide(L)'
;GSHHHHHHSIETDRVSKEFIEFLKTFHKTGQEIYKQTKLFLEGMHYKRDLSIEEQSECAQDFYHNVAERMQTRGKVPPER
VEKIMDQIEKYIMTRLYKYVFCPETTDDEKKDLAIQKRIRALRWVTPQMLCVPVNEDIPEVSDMVVKAITDIIEMDSKRV
PRDKLACITKCSKHIFNAIKITKNEPASADDFLPTLIYIVLKGNPPRLQSNIQYITRFCNPSRLMTGEDGYYFTNLCCAV
AFIEKLDAQSLNLSQEDFDRYMSGQTSPRKQEAE
;
A
2 'polypeptide(L)'
;GSRAYSFKVVLLGEGCVGKTSLVLRYCENKFNDKHITTLQASFLTKKLNIGGKRVNLAIWDTAGQERFHALGPIYYRDSN
GAILVYDITDEDSFQKVKNWVKELRKMLGNEICLCIVGNKIDLEKERHVSIQEAESYAESVGAKHYHTSAKQNKGIEELF
LDLCKRMIET
;
B
#
# COMPACT_ATOMS: atom_id res chain seq x y z
N SER A 16 18.62 6.60 24.12
CA SER A 16 19.57 7.70 23.78
C SER A 16 21.03 7.31 23.97
N LYS A 17 21.32 6.56 25.04
CA LYS A 17 22.65 6.04 25.30
C LYS A 17 23.03 4.99 24.26
N GLU A 18 22.04 4.18 23.89
CA GLU A 18 22.21 3.13 22.88
C GLU A 18 22.52 3.70 21.49
N PHE A 19 21.92 4.85 21.18
CA PHE A 19 22.15 5.51 19.89
C PHE A 19 23.60 5.96 19.76
N ILE A 20 24.14 6.48 20.85
CA ILE A 20 25.52 6.96 20.91
C ILE A 20 26.50 5.80 20.76
N GLU A 21 26.29 4.76 21.54
CA GLU A 21 27.09 3.55 21.47
C GLU A 21 26.98 2.90 20.09
N PHE A 22 25.78 2.91 19.53
CA PHE A 22 25.60 2.41 18.17
C PHE A 22 26.43 3.19 17.16
N LEU A 23 26.33 4.52 17.21
CA LEU A 23 27.05 5.40 16.29
C LEU A 23 28.57 5.39 16.48
N LYS A 24 29.03 5.16 17.71
CA LYS A 24 30.46 5.06 18.00
C LYS A 24 31.13 3.97 17.14
N THR A 25 30.39 2.89 16.91
CA THR A 25 30.78 1.82 15.99
C THR A 25 31.28 2.33 14.63
N PHE A 26 30.66 3.37 14.10
CA PHE A 26 30.94 3.82 12.73
C PHE A 26 32.07 4.85 12.52
N HIS A 27 32.89 5.05 13.56
CA HIS A 27 34.11 5.89 13.46
C HIS A 27 33.87 7.34 12.99
N LYS A 28 34.65 7.74 11.98
CA LYS A 28 34.50 9.05 11.34
C LYS A 28 33.45 8.97 10.22
N THR A 29 32.25 8.55 10.65
CA THR A 29 31.04 8.52 9.85
C THR A 29 29.90 8.56 10.87
N GLY A 30 30.14 7.92 12.02
CA GLY A 30 29.21 7.95 13.15
C GLY A 30 29.17 9.29 13.86
N GLN A 31 30.34 9.90 14.06
CA GLN A 31 30.40 11.25 14.62
C GLN A 31 29.66 12.24 13.73
N GLU A 32 29.86 12.12 12.41
CA GLU A 32 29.24 13.00 11.42
C GLU A 32 27.73 12.86 11.40
N ILE A 33 27.25 11.63 11.45
CA ILE A 33 25.82 11.36 11.52
C ILE A 33 25.24 11.93 12.82
N TYR A 34 25.94 11.74 13.93
CA TYR A 34 25.48 12.26 15.21
C TYR A 34 25.37 13.77 15.17
N LYS A 35 26.41 14.42 14.65
CA LYS A 35 26.41 15.87 14.50
C LYS A 35 25.22 16.32 13.65
N GLN A 36 25.07 15.72 12.48
CA GLN A 36 23.97 16.05 11.58
C GLN A 36 22.58 15.78 12.19
N THR A 37 22.48 14.75 13.01
CA THR A 37 21.24 14.38 13.70
C THR A 37 20.92 15.41 14.77
N LYS A 38 21.96 15.81 15.51
CA LYS A 38 21.81 16.83 16.54
C LYS A 38 21.45 18.19 15.94
N LEU A 39 22.06 18.50 14.79
CA LEU A 39 21.77 19.70 14.03
C LEU A 39 20.31 19.74 13.60
N PHE A 40 19.85 18.63 13.01
CA PHE A 40 18.47 18.50 12.61
C PHE A 40 17.50 18.71 13.78
N LEU A 41 17.78 18.04 14.90
CA LEU A 41 16.96 18.09 16.10
C LEU A 41 16.94 19.49 16.71
N GLU A 42 18.07 20.19 16.61
CA GLU A 42 18.16 21.57 17.05
C GLU A 42 17.34 22.46 16.13
N GLY A 43 17.43 22.18 14.82
CA GLY A 43 16.60 22.80 13.81
C GLY A 43 15.11 22.64 14.12
N MET A 44 14.70 21.43 14.53
CA MET A 44 13.28 21.15 14.87
C MET A 44 12.80 21.96 16.07
N HIS A 45 13.67 22.14 17.07
CA HIS A 45 13.37 22.94 18.27
C HIS A 45 13.02 24.37 17.89
N TYR A 46 13.80 24.91 16.95
CA TYR A 46 13.61 26.26 16.42
C TYR A 46 12.53 26.34 15.32
N LYS A 47 11.81 25.23 15.11
CA LYS A 47 10.71 25.14 14.13
C LYS A 47 9.41 24.70 14.81
N ARG A 48 9.48 24.47 16.12
CA ARG A 48 8.35 23.98 16.91
C ARG A 48 7.10 24.84 16.72
N ASP A 49 7.30 26.14 16.50
CA ASP A 49 6.18 27.06 16.31
C ASP A 49 5.80 27.26 14.82
N LEU A 50 6.44 26.51 13.92
CA LEU A 50 6.04 26.47 12.52
C LEU A 50 4.95 25.41 12.29
N SER A 51 4.45 25.34 11.06
CA SER A 51 3.38 24.41 10.70
C SER A 51 3.94 23.00 10.70
N ILE A 52 3.05 22.01 10.85
CA ILE A 52 3.47 20.61 10.86
C ILE A 52 4.03 20.19 9.49
N GLU A 53 3.46 20.77 8.42
CA GLU A 53 3.99 20.57 7.09
C GLU A 53 5.48 20.96 7.04
N GLU A 54 5.82 22.13 7.58
CA GLU A 54 7.20 22.63 7.57
C GLU A 54 8.11 21.76 8.43
N GLN A 55 7.59 21.33 9.58
CA GLN A 55 8.30 20.39 10.43
C GLN A 55 8.54 19.05 9.73
N SER A 56 7.54 18.57 8.99
CA SER A 56 7.65 17.31 8.24
C SER A 56 8.64 17.40 7.08
N GLU A 57 8.62 18.50 6.35
CA GLU A 57 9.58 18.72 5.26
C GLU A 57 11.02 18.67 5.79
N CYS A 58 11.22 19.28 6.96
CA CYS A 58 12.52 19.26 7.62
C CYS A 58 13.01 17.82 7.92
N ALA A 59 12.17 17.00 8.55
CA ALA A 59 12.50 15.60 8.82
C ALA A 59 12.77 14.83 7.54
N GLN A 60 11.96 15.07 6.52
CA GLN A 60 12.08 14.33 5.26
C GLN A 60 13.35 14.72 4.52
N ASP A 61 13.63 16.03 4.46
CA ASP A 61 14.92 16.52 3.95
C ASP A 61 16.06 15.89 4.70
N PHE A 62 15.94 15.84 6.03
CA PHE A 62 16.96 15.23 6.88
C PHE A 62 17.18 13.75 6.54
N TYR A 63 16.11 12.97 6.41
CA TYR A 63 16.22 11.57 5.99
C TYR A 63 16.94 11.50 4.64
N HIS A 64 16.48 12.30 3.68
CA HIS A 64 17.05 12.35 2.32
C HIS A 64 18.56 12.64 2.41
N ASN A 65 18.89 13.76 3.06
CA ASN A 65 20.27 14.26 3.13
C ASN A 65 21.27 13.41 3.91
N VAL A 66 20.83 12.80 5.01
CA VAL A 66 21.72 11.94 5.80
C VAL A 66 22.03 10.64 5.05
N ALA A 67 21.04 10.13 4.33
CA ALA A 67 21.22 8.92 3.52
C ALA A 67 22.20 9.13 2.37
N GLU A 68 22.10 10.28 1.72
CA GLU A 68 22.96 10.61 0.58
C GLU A 68 24.38 10.93 1.03
N ARG A 69 24.50 11.71 2.11
CA ARG A 69 25.82 12.04 2.68
C ARG A 69 26.53 10.81 3.27
N MET A 70 25.86 9.67 3.24
CA MET A 70 26.45 8.39 3.63
C MET A 70 27.02 7.64 2.44
N GLN A 71 26.31 7.72 1.31
CA GLN A 71 26.74 7.10 0.06
C GLN A 71 27.93 7.86 -0.51
N THR A 72 27.87 9.18 -0.44
CA THR A 72 28.96 10.04 -0.89
C THR A 72 30.18 9.92 0.04
N ARG A 73 30.27 10.82 1.03
CA ARG A 73 31.45 10.96 1.88
C ARG A 73 31.48 10.02 3.10
N GLY A 74 31.33 8.73 2.86
CA GLY A 74 31.30 7.73 3.93
C GLY A 74 31.62 6.30 3.52
N LYS A 75 31.32 5.96 2.26
CA LYS A 75 31.48 4.60 1.69
C LYS A 75 31.04 3.46 2.63
N VAL A 76 29.72 3.32 2.80
CA VAL A 76 29.12 2.31 3.68
C VAL A 76 28.21 1.40 2.86
N PRO A 77 28.23 0.07 3.12
CA PRO A 77 27.39 -0.87 2.35
C PRO A 77 25.89 -0.65 2.59
N PRO A 78 25.08 -0.64 1.53
CA PRO A 78 23.62 -0.46 1.57
C PRO A 78 22.87 -1.39 2.55
N GLU A 79 23.51 -2.49 2.95
CA GLU A 79 22.95 -3.39 3.96
C GLU A 79 22.87 -2.69 5.32
N ARG A 80 24.00 -2.13 5.74
CA ARG A 80 24.12 -1.44 7.03
C ARG A 80 23.51 -0.04 7.01
N VAL A 81 23.26 0.48 5.80
CA VAL A 81 22.67 1.81 5.63
C VAL A 81 21.21 1.85 6.07
N GLU A 82 20.44 0.83 5.70
CA GLU A 82 19.05 0.74 6.15
C GLU A 82 18.98 0.53 7.67
N LYS A 83 19.90 -0.29 8.19
CA LYS A 83 19.95 -0.62 9.62
C LYS A 83 20.22 0.58 10.51
N ILE A 84 21.02 1.52 10.01
CA ILE A 84 21.35 2.71 10.77
C ILE A 84 20.33 3.84 10.59
N MET A 85 19.64 3.84 9.45
CA MET A 85 18.52 4.76 9.23
C MET A 85 17.35 4.41 10.15
N ASP A 86 17.25 3.13 10.50
CA ASP A 86 16.26 2.65 11.47
C ASP A 86 16.63 3.17 12.85
N GLN A 87 17.92 3.19 13.15
CA GLN A 87 18.41 3.68 14.43
C GLN A 87 18.23 5.19 14.55
N ILE A 88 18.50 5.91 13.46
CA ILE A 88 18.27 7.35 13.38
C ILE A 88 16.79 7.65 13.62
N GLU A 89 15.91 7.03 12.82
CA GLU A 89 14.48 7.24 12.95
C GLU A 89 14.00 7.01 14.38
N LYS A 90 14.50 5.96 15.03
CA LYS A 90 14.10 5.65 16.41
C LYS A 90 14.55 6.70 17.41
N TYR A 91 15.80 7.16 17.29
CA TYR A 91 16.31 8.25 18.13
C TYR A 91 15.49 9.51 17.91
N ILE A 92 15.45 10.00 16.68
CA ILE A 92 14.78 11.26 16.42
C ILE A 92 13.29 11.24 16.79
N MET A 93 12.60 10.15 16.47
CA MET A 93 11.13 10.10 16.63
C MET A 93 10.71 9.84 18.05
N THR A 94 11.54 9.11 18.79
CA THR A 94 11.38 8.98 20.25
C THR A 94 11.44 10.35 20.92
N ARG A 95 12.39 11.18 20.48
CA ARG A 95 12.51 12.54 21.01
C ARG A 95 11.47 13.48 20.45
N LEU A 96 11.07 13.29 19.20
CA LEU A 96 10.12 14.20 18.58
C LEU A 96 8.63 13.88 18.85
N TYR A 97 8.32 12.64 19.23
CA TYR A 97 6.94 12.16 19.35
C TYR A 97 6.03 13.09 20.15
N LYS A 98 6.45 13.41 21.38
CA LYS A 98 5.65 14.29 22.26
C LYS A 98 5.29 15.62 21.61
N TYR A 99 6.14 16.09 20.70
CA TYR A 99 5.90 17.38 20.05
C TYR A 99 5.18 17.29 18.72
N VAL A 100 5.46 16.23 17.95
CA VAL A 100 4.94 16.16 16.58
C VAL A 100 3.77 15.19 16.35
N PHE A 101 3.46 14.36 17.33
CA PHE A 101 2.28 13.49 17.22
C PHE A 101 1.02 14.23 17.66
N CYS A 102 -0.01 14.18 16.81
CA CYS A 102 -1.28 14.86 17.03
C CYS A 102 -1.07 16.29 17.58
N PRO A 103 -0.42 17.17 16.80
CA PRO A 103 -0.13 18.50 17.36
C PRO A 103 -1.40 19.35 17.48
N GLU A 104 -1.48 20.11 18.56
CA GLU A 104 -2.61 21.03 18.81
C GLU A 104 -2.85 22.05 17.69
N THR A 105 -1.83 22.33 16.89
CA THR A 105 -1.94 23.32 15.79
C THR A 105 -2.55 22.72 14.53
N THR A 106 -2.89 21.43 14.60
CA THR A 106 -3.46 20.71 13.47
C THR A 106 -4.88 20.28 13.78
N ASP A 107 -5.53 19.74 12.75
CA ASP A 107 -6.85 19.14 12.88
C ASP A 107 -6.79 17.61 13.08
N ASP A 108 -5.66 17.11 13.59
CA ASP A 108 -5.46 15.66 13.79
C ASP A 108 -6.49 15.11 14.79
N GLU A 109 -6.62 15.76 15.95
CA GLU A 109 -7.63 15.37 16.92
C GLU A 109 -9.05 15.42 16.35
N LYS A 110 -9.43 16.54 15.75
CA LYS A 110 -10.70 16.65 15.05
C LYS A 110 -10.95 15.48 14.08
N LYS A 111 -9.95 15.14 13.27
CA LYS A 111 -10.04 14.03 12.32
C LYS A 111 -10.18 12.67 13.01
N ASP A 112 -9.46 12.47 14.11
CA ASP A 112 -9.57 11.26 14.93
C ASP A 112 -10.99 11.03 15.44
N LEU A 113 -11.59 12.10 15.96
CA LEU A 113 -12.94 12.02 16.52
C LEU A 113 -13.96 11.75 15.44
N ALA A 114 -13.81 12.38 14.29
CA ALA A 114 -14.77 12.20 13.21
C ALA A 114 -14.72 10.75 12.67
N ILE A 115 -13.51 10.20 12.50
CA ILE A 115 -13.39 8.84 12.00
C ILE A 115 -13.86 7.84 13.06
N GLN A 116 -13.57 8.14 14.33
CA GLN A 116 -14.03 7.29 15.41
C GLN A 116 -15.56 7.25 15.48
N LYS A 117 -16.18 8.43 15.37
CA LYS A 117 -17.65 8.53 15.36
C LYS A 117 -18.27 7.85 14.14
N ARG A 118 -17.64 8.03 12.99
CA ARG A 118 -18.05 7.36 11.76
C ARG A 118 -17.96 5.83 11.86
N ILE A 119 -16.86 5.33 12.38
CA ILE A 119 -16.69 3.88 12.51
C ILE A 119 -17.73 3.35 13.49
N ARG A 120 -17.95 4.08 14.59
CA ARG A 120 -18.98 3.73 15.57
C ARG A 120 -20.36 3.67 14.90
N ALA A 121 -20.71 4.69 14.11
CA ALA A 121 -21.99 4.73 13.37
C ALA A 121 -22.23 3.50 12.50
N LEU A 122 -21.13 2.89 12.02
CA LEU A 122 -21.18 1.78 11.10
C LEU A 122 -20.97 0.42 11.79
N ARG A 123 -21.12 0.39 13.11
CA ARG A 123 -21.01 -0.85 13.91
C ARG A 123 -21.90 -1.99 13.38
N TRP A 124 -22.97 -1.64 12.63
CA TRP A 124 -23.96 -2.61 12.15
C TRP A 124 -23.54 -3.35 10.85
N VAL A 125 -22.54 -2.83 10.17
CA VAL A 125 -22.08 -3.38 8.89
C VAL A 125 -21.47 -4.75 9.12
N THR A 126 -21.96 -5.74 8.37
CA THR A 126 -21.56 -7.12 8.52
C THR A 126 -20.44 -7.47 7.53
N PRO A 127 -19.68 -8.56 7.80
CA PRO A 127 -18.71 -9.02 6.80
C PRO A 127 -19.37 -9.46 5.50
N GLN A 128 -20.60 -9.97 5.59
CA GLN A 128 -21.38 -10.39 4.40
C GLN A 128 -21.67 -9.20 3.49
N MET A 129 -22.02 -8.07 4.09
CA MET A 129 -22.23 -6.83 3.33
C MET A 129 -20.97 -6.38 2.59
N LEU A 130 -19.82 -6.61 3.19
CA LEU A 130 -18.55 -6.24 2.58
C LEU A 130 -17.98 -7.38 1.72
N CYS A 131 -18.71 -8.48 1.63
CA CYS A 131 -18.25 -9.69 0.93
C CYS A 131 -16.87 -10.15 1.42
N VAL A 132 -16.70 -10.19 2.74
CA VAL A 132 -15.42 -10.56 3.34
C VAL A 132 -15.22 -12.06 3.25
N PRO A 133 -14.13 -12.49 2.57
CA PRO A 133 -13.83 -13.91 2.41
C PRO A 133 -13.21 -14.56 3.65
N VAL A 134 -13.83 -14.39 4.81
CA VAL A 134 -13.37 -15.09 6.00
C VAL A 134 -14.56 -15.74 6.70
N ASN A 135 -14.37 -16.95 7.19
CA ASN A 135 -15.44 -17.66 7.88
C ASN A 135 -15.09 -17.79 9.33
N GLU A 136 -15.75 -16.98 10.16
CA GLU A 136 -15.42 -16.90 11.56
C GLU A 136 -15.95 -18.05 12.40
N ASP A 137 -16.63 -19.01 11.76
CA ASP A 137 -17.07 -20.23 12.42
C ASP A 137 -15.97 -21.27 12.55
N ILE A 138 -14.91 -21.12 11.76
CA ILE A 138 -13.71 -21.93 11.89
C ILE A 138 -12.90 -21.29 13.03
N PRO A 139 -12.69 -22.03 14.16
CA PRO A 139 -11.98 -21.47 15.32
C PRO A 139 -10.62 -20.83 15.00
N GLU A 140 -9.86 -21.43 14.10
CA GLU A 140 -8.58 -20.85 13.70
C GLU A 140 -8.75 -19.51 12.97
N VAL A 141 -9.82 -19.37 12.19
CA VAL A 141 -10.10 -18.09 11.53
C VAL A 141 -10.47 -17.04 12.57
N SER A 142 -11.35 -17.42 13.49
CA SER A 142 -11.76 -16.54 14.57
C SER A 142 -10.52 -16.04 15.35
N ASP A 143 -9.60 -16.94 15.67
CA ASP A 143 -8.35 -16.54 16.33
C ASP A 143 -7.51 -15.55 15.50
N MET A 144 -7.43 -15.75 14.17
CA MET A 144 -6.71 -14.81 13.30
C MET A 144 -7.35 -13.41 13.33
N VAL A 145 -8.69 -13.35 13.27
CA VAL A 145 -9.43 -12.09 13.32
C VAL A 145 -9.21 -11.35 14.63
N VAL A 146 -9.29 -12.07 15.76
CA VAL A 146 -9.00 -11.49 17.06
C VAL A 146 -7.59 -10.85 17.07
N LYS A 147 -6.59 -11.57 16.52
CA LYS A 147 -5.23 -11.04 16.52
C LYS A 147 -5.08 -9.83 15.63
N ALA A 148 -5.70 -9.88 14.46
CA ALA A 148 -5.64 -8.74 13.52
C ALA A 148 -6.23 -7.47 14.13
N ILE A 149 -7.36 -7.59 14.83
CA ILE A 149 -7.95 -6.46 15.57
C ILE A 149 -7.01 -5.91 16.65
N THR A 150 -6.39 -6.79 17.43
CA THR A 150 -5.41 -6.36 18.40
C THR A 150 -4.19 -5.67 17.75
N ASP A 151 -3.68 -6.21 16.65
CA ASP A 151 -2.57 -5.58 15.91
C ASP A 151 -2.90 -4.13 15.53
N ILE A 152 -4.06 -3.91 14.94
CA ILE A 152 -4.37 -2.55 14.49
C ILE A 152 -4.63 -1.59 15.67
N ILE A 153 -5.24 -2.09 16.73
CA ILE A 153 -5.39 -1.35 17.98
C ILE A 153 -4.03 -0.92 18.57
N GLU A 154 -3.04 -1.82 18.53
CA GLU A 154 -1.72 -1.57 19.15
C GLU A 154 -0.91 -0.48 18.47
N MET A 155 -1.26 -0.17 17.22
CA MET A 155 -0.55 0.85 16.44
C MET A 155 -0.30 2.13 17.25
N ASP A 156 -1.35 2.61 17.93
CA ASP A 156 -1.28 3.88 18.65
C ASP A 156 -0.33 3.80 19.87
N SER A 157 -0.06 2.60 20.37
CA SER A 157 0.78 2.44 21.55
C SER A 157 2.28 2.52 21.22
N LYS A 158 2.62 2.48 19.93
CA LYS A 158 4.00 2.53 19.48
C LYS A 158 4.33 3.95 19.07
N ARG A 159 5.51 4.42 19.47
CA ARG A 159 5.92 5.79 19.20
C ARG A 159 6.63 6.00 17.87
N VAL A 160 7.37 4.99 17.44
CA VAL A 160 8.25 5.09 16.27
C VAL A 160 7.49 4.66 15.00
N PRO A 161 7.60 5.43 13.90
CA PRO A 161 6.81 5.10 12.72
C PRO A 161 7.02 3.66 12.25
N ARG A 162 8.26 3.19 12.23
CA ARG A 162 8.59 1.81 11.91
C ARG A 162 7.80 0.78 12.74
N ASP A 163 7.59 1.06 14.02
CA ASP A 163 6.84 0.15 14.90
C ASP A 163 5.31 0.26 14.69
N LYS A 164 4.83 1.45 14.40
CA LYS A 164 3.43 1.61 13.96
C LYS A 164 3.18 0.84 12.66
N LEU A 165 4.07 0.98 11.69
CA LEU A 165 4.00 0.20 10.46
C LEU A 165 4.00 -1.31 10.71
N ALA A 166 4.78 -1.78 11.69
CA ALA A 166 4.85 -3.20 12.01
C ALA A 166 3.53 -3.74 12.53
N CYS A 167 2.78 -2.93 13.26
CA CYS A 167 1.42 -3.28 13.68
C CYS A 167 0.51 -3.44 12.46
N ILE A 168 0.58 -2.50 11.52
CA ILE A 168 -0.27 -2.60 10.32
C ILE A 168 0.07 -3.88 9.53
N THR A 169 1.36 -4.15 9.40
CA THR A 169 1.85 -5.32 8.68
C THR A 169 1.48 -6.64 9.35
N LYS A 170 1.65 -6.72 10.69
CA LYS A 170 1.18 -7.88 11.46
C LYS A 170 -0.32 -8.11 11.28
N CYS A 171 -1.08 -7.02 11.34
CA CYS A 171 -2.53 -7.08 11.17
C CYS A 171 -2.85 -7.71 9.81
N SER A 172 -2.19 -7.21 8.78
CA SER A 172 -2.41 -7.72 7.42
C SER A 172 -2.08 -9.18 7.26
N LYS A 173 -1.01 -9.64 7.90
CA LYS A 173 -0.64 -11.05 7.75
C LYS A 173 -1.59 -11.97 8.55
N HIS A 174 -2.11 -11.49 9.67
CA HIS A 174 -3.12 -12.25 10.37
C HIS A 174 -4.37 -12.28 9.48
N ILE A 175 -4.72 -11.16 8.85
CA ILE A 175 -5.84 -11.16 7.88
C ILE A 175 -5.61 -12.15 6.75
N PHE A 176 -4.40 -12.14 6.18
CA PHE A 176 -4.07 -13.07 5.11
C PHE A 176 -4.27 -14.53 5.54
N ASN A 177 -3.81 -14.88 6.74
CA ASN A 177 -4.05 -16.22 7.27
C ASN A 177 -5.55 -16.54 7.39
N ALA A 178 -6.33 -15.62 7.95
CA ALA A 178 -7.78 -15.80 8.04
C ALA A 178 -8.40 -16.09 6.65
N ILE A 179 -8.00 -15.32 5.65
CA ILE A 179 -8.53 -15.52 4.29
C ILE A 179 -8.07 -16.85 3.66
N LYS A 180 -6.78 -17.17 3.78
CA LYS A 180 -6.22 -18.41 3.24
C LYS A 180 -6.86 -19.65 3.90
N ILE A 181 -7.08 -19.62 5.21
CA ILE A 181 -7.74 -20.76 5.88
C ILE A 181 -9.19 -20.95 5.39
N THR A 182 -9.90 -19.84 5.23
CA THR A 182 -11.30 -19.87 4.77
C THR A 182 -11.42 -20.34 3.32
N LYS A 183 -10.57 -19.78 2.45
CA LYS A 183 -10.76 -19.88 0.99
C LYS A 183 -9.84 -20.91 0.36
N ASN A 184 -8.71 -21.17 1.01
CA ASN A 184 -7.69 -22.07 0.50
C ASN A 184 -7.09 -21.58 -0.82
N GLU A 185 -7.17 -20.27 -1.03
CA GLU A 185 -6.46 -19.59 -2.09
C GLU A 185 -5.83 -18.33 -1.47
N PRO A 186 -4.67 -17.90 -2.01
CA PRO A 186 -4.00 -16.70 -1.52
C PRO A 186 -4.84 -15.46 -1.84
N ALA A 187 -4.95 -14.54 -0.88
CA ALA A 187 -5.78 -13.35 -1.05
C ALA A 187 -5.23 -12.45 -2.16
N SER A 188 -6.12 -12.04 -3.03
CA SER A 188 -5.83 -10.93 -3.95
C SER A 188 -6.19 -9.58 -3.24
N ALA A 189 -5.90 -8.45 -3.86
CA ALA A 189 -6.33 -7.15 -3.30
C ALA A 189 -7.84 -7.13 -3.11
N ASP A 190 -8.56 -7.74 -4.05
CA ASP A 190 -10.03 -7.81 -3.97
C ASP A 190 -10.52 -8.56 -2.72
N ASP A 191 -9.79 -9.58 -2.29
CA ASP A 191 -10.08 -10.29 -1.03
C ASP A 191 -9.61 -9.50 0.21
N PHE A 192 -8.45 -8.86 0.07
CA PHE A 192 -7.72 -8.29 1.22
C PHE A 192 -8.36 -7.00 1.71
N LEU A 193 -8.60 -6.07 0.78
CA LEU A 193 -9.09 -4.76 1.18
C LEU A 193 -10.43 -4.75 1.94
N PRO A 194 -11.47 -5.49 1.47
CA PRO A 194 -12.70 -5.55 2.27
C PRO A 194 -12.50 -6.19 3.64
N THR A 195 -11.59 -7.15 3.74
CA THR A 195 -11.30 -7.74 5.05
C THR A 195 -10.62 -6.75 5.99
N LEU A 196 -9.66 -5.98 5.48
CA LEU A 196 -9.02 -4.94 6.29
C LEU A 196 -10.02 -3.84 6.70
N ILE A 197 -10.91 -3.45 5.79
CA ILE A 197 -11.99 -2.54 6.12
C ILE A 197 -12.83 -3.05 7.29
N TYR A 198 -13.19 -4.33 7.21
CA TYR A 198 -13.96 -4.97 8.26
C TYR A 198 -13.21 -4.96 9.60
N ILE A 199 -11.94 -5.30 9.58
CA ILE A 199 -11.12 -5.29 10.79
C ILE A 199 -11.02 -3.92 11.42
N VAL A 200 -10.81 -2.89 10.58
CA VAL A 200 -10.80 -1.50 11.04
C VAL A 200 -12.15 -1.11 11.66
N LEU A 201 -13.26 -1.49 11.02
CA LEU A 201 -14.62 -1.22 11.54
C LEU A 201 -14.82 -1.88 12.90
N LYS A 202 -14.31 -3.10 13.05
CA LYS A 202 -14.45 -3.80 14.35
C LYS A 202 -13.50 -3.27 15.41
N GLY A 203 -12.31 -2.84 14.99
CA GLY A 203 -11.29 -2.37 15.92
C GLY A 203 -11.49 -0.92 16.37
N ASN A 204 -12.07 -0.10 15.48
CA ASN A 204 -12.15 1.33 15.73
C ASN A 204 -10.87 1.79 16.41
N PRO A 205 -9.71 1.59 15.76
CA PRO A 205 -8.40 1.80 16.42
C PRO A 205 -8.23 3.23 16.91
N PRO A 206 -7.64 3.41 18.10
CA PRO A 206 -7.48 4.74 18.67
C PRO A 206 -6.61 5.67 17.79
N ARG A 207 -7.10 6.89 17.60
CA ARG A 207 -6.34 7.98 16.97
C ARG A 207 -5.86 7.61 15.59
N LEU A 208 -6.79 7.06 14.84
CA LEU A 208 -6.48 6.50 13.57
C LEU A 208 -5.90 7.51 12.58
N GLN A 209 -6.52 8.68 12.44
CA GLN A 209 -6.01 9.70 11.51
C GLN A 209 -4.67 10.30 11.95
N SER A 210 -4.53 10.54 13.25
CA SER A 210 -3.25 10.98 13.83
C SER A 210 -2.13 9.99 13.53
N ASN A 211 -2.41 8.69 13.67
CA ASN A 211 -1.40 7.69 13.32
C ASN A 211 -1.06 7.71 11.86
N ILE A 212 -2.06 7.83 11.01
CA ILE A 212 -1.81 7.85 9.56
C ILE A 212 -0.99 9.11 9.17
N GLN A 213 -1.41 10.26 9.67
CA GLN A 213 -0.73 11.54 9.36
C GLN A 213 0.72 11.51 9.85
N TYR A 214 0.92 11.05 11.08
CA TYR A 214 2.26 10.90 11.66
C TYR A 214 3.19 10.01 10.83
N ILE A 215 2.67 8.90 10.33
CA ILE A 215 3.48 8.00 9.51
C ILE A 215 3.84 8.71 8.20
N THR A 216 2.86 9.30 7.55
CA THR A 216 3.07 10.06 6.32
C THR A 216 4.09 11.18 6.53
N ARG A 217 3.94 11.93 7.62
CA ARG A 217 4.81 13.08 7.88
C ARG A 217 6.23 12.73 8.31
N PHE A 218 6.39 11.64 9.07
CA PHE A 218 7.64 11.41 9.81
C PHE A 218 8.34 10.07 9.61
N CYS A 219 7.70 9.18 8.86
CA CYS A 219 8.34 7.90 8.59
C CYS A 219 9.46 8.16 7.60
N ASN A 220 10.59 7.47 7.78
CA ASN A 220 11.64 7.48 6.76
C ASN A 220 10.98 7.15 5.42
N PRO A 221 11.00 8.12 4.48
CA PRO A 221 10.18 8.05 3.26
C PRO A 221 10.40 6.82 2.42
N SER A 222 11.55 6.18 2.59
CA SER A 222 11.92 5.02 1.77
C SER A 222 11.07 3.80 2.08
N ARG A 223 10.96 3.44 3.35
CA ARG A 223 10.22 2.25 3.80
C ARG A 223 8.81 2.12 3.23
N LEU A 224 8.25 3.26 2.80
CA LEU A 224 6.90 3.32 2.25
C LEU A 224 6.81 3.19 0.72
N MET A 225 7.95 3.20 0.04
CA MET A 225 7.97 3.42 -1.41
C MET A 225 7.63 2.19 -2.25
N THR A 226 8.22 1.06 -1.88
CA THR A 226 8.06 -0.20 -2.64
C THR A 226 7.73 -1.41 -1.76
N GLY A 227 8.32 -1.46 -0.54
CA GLY A 227 8.37 -2.68 0.30
C GLY A 227 7.05 -2.99 0.98
N GLU A 228 6.94 -4.11 1.69
CA GLU A 228 5.63 -4.57 2.18
C GLU A 228 4.96 -3.61 3.17
N ASP A 229 5.74 -2.96 4.03
CA ASP A 229 5.16 -2.01 5.00
C ASP A 229 4.43 -0.89 4.26
N GLY A 230 4.99 -0.44 3.14
CA GLY A 230 4.35 0.58 2.30
C GLY A 230 3.03 0.12 1.72
N TYR A 231 3.00 -1.12 1.21
CA TYR A 231 1.78 -1.72 0.67
C TYR A 231 0.65 -1.77 1.72
N TYR A 232 0.94 -2.31 2.90
CA TYR A 232 -0.06 -2.43 3.95
C TYR A 232 -0.50 -1.08 4.49
N PHE A 233 0.42 -0.13 4.60
CA PHE A 233 0.06 1.22 5.02
C PHE A 233 -0.88 1.86 3.99
N THR A 234 -0.52 1.75 2.71
CA THR A 234 -1.39 2.23 1.62
C THR A 234 -2.77 1.61 1.71
N ASN A 235 -2.84 0.31 2.02
CA ASN A 235 -4.12 -0.35 2.17
C ASN A 235 -4.91 0.19 3.33
N LEU A 236 -4.23 0.45 4.45
CA LEU A 236 -4.92 1.11 5.57
C LEU A 236 -5.56 2.45 5.13
N CYS A 237 -4.77 3.25 4.40
CA CYS A 237 -5.27 4.51 3.83
C CYS A 237 -6.50 4.30 2.95
N CYS A 238 -6.44 3.31 2.07
CA CYS A 238 -7.63 2.92 1.26
C CYS A 238 -8.87 2.52 2.09
N ALA A 239 -8.65 1.74 3.16
CA ALA A 239 -9.69 1.33 4.07
C ALA A 239 -10.37 2.54 4.70
N VAL A 240 -9.57 3.48 5.22
CA VAL A 240 -10.12 4.62 5.91
C VAL A 240 -10.92 5.51 4.93
N ALA A 241 -10.35 5.76 3.76
CA ALA A 241 -11.01 6.52 2.68
C ALA A 241 -12.33 5.87 2.27
N PHE A 242 -12.35 4.53 2.14
CA PHE A 242 -13.61 3.80 1.84
C PHE A 242 -14.66 3.97 2.93
N ILE A 243 -14.22 3.81 4.18
CA ILE A 243 -15.11 3.99 5.33
C ILE A 243 -15.73 5.39 5.39
N GLU A 244 -14.91 6.42 5.11
CA GLU A 244 -15.39 7.82 5.12
C GLU A 244 -16.54 8.09 4.14
N LYS A 245 -16.48 7.49 2.95
CA LYS A 245 -17.45 7.76 1.88
C LYS A 245 -18.50 6.65 1.67
N LEU A 246 -18.38 5.57 2.43
CA LEU A 246 -19.24 4.40 2.33
C LEU A 246 -20.73 4.84 2.28
N ASP A 247 -21.48 4.30 1.33
CA ASP A 247 -22.91 4.63 1.20
C ASP A 247 -23.72 3.37 0.95
N ALA A 248 -25.03 3.50 0.76
CA ALA A 248 -25.90 2.32 0.55
C ALA A 248 -25.40 1.44 -0.59
N GLN A 249 -25.00 2.09 -1.68
CA GLN A 249 -24.54 1.42 -2.90
C GLN A 249 -23.26 0.60 -2.64
N SER A 250 -22.33 1.16 -1.87
CA SER A 250 -21.11 0.43 -1.40
C SER A 250 -21.38 -0.98 -0.88
N LEU A 251 -22.48 -1.11 -0.14
CA LEU A 251 -22.83 -2.36 0.51
C LEU A 251 -23.98 -3.11 -0.18
N ASN A 252 -24.29 -2.74 -1.41
CA ASN A 252 -25.39 -3.36 -2.14
C ASN A 252 -26.70 -3.27 -1.36
N LEU A 253 -26.94 -2.13 -0.72
CA LEU A 253 -28.20 -1.92 0.03
C LEU A 253 -29.07 -0.87 -0.61
N SER A 254 -30.39 -1.03 -0.43
CA SER A 254 -31.30 0.04 -0.77
C SER A 254 -31.06 1.18 0.21
N GLN A 255 -31.39 2.40 -0.21
CA GLN A 255 -31.33 3.54 0.68
C GLN A 255 -32.26 3.31 1.87
N GLU A 256 -33.40 2.67 1.64
CA GLU A 256 -34.31 2.34 2.72
C GLU A 256 -33.61 1.57 3.86
N ASP A 257 -32.98 0.44 3.51
CA ASP A 257 -32.27 -0.38 4.49
C ASP A 257 -31.07 0.35 5.10
N PHE A 258 -30.23 0.96 4.26
CA PHE A 258 -29.05 1.70 4.77
C PHE A 258 -29.47 2.71 5.86
N ASP A 259 -30.46 3.55 5.55
CA ASP A 259 -30.97 4.56 6.49
C ASP A 259 -31.52 3.95 7.79
N ARG A 260 -32.28 2.86 7.68
CA ARG A 260 -32.71 2.09 8.86
C ARG A 260 -31.56 1.60 9.76
N TYR A 261 -30.53 1.04 9.13
CA TYR A 261 -29.38 0.55 9.89
C TYR A 261 -28.60 1.69 10.54
N MET A 262 -28.45 2.79 9.80
CA MET A 262 -27.74 3.96 10.27
C MET A 262 -28.39 4.60 11.49
N SER A 263 -29.70 4.40 11.66
CA SER A 263 -30.46 4.97 12.80
C SER A 263 -30.05 4.35 14.11
N GLY A 264 -29.40 3.18 14.03
CA GLY A 264 -29.00 2.40 15.18
C GLY A 264 -30.16 1.64 15.82
N GLN A 265 -31.33 1.67 15.18
CA GLN A 265 -32.56 1.09 15.75
C GLN A 265 -32.88 -0.29 15.22
N THR A 266 -32.14 -0.72 14.20
CA THR A 266 -32.48 -1.93 13.47
C THR A 266 -31.25 -2.81 13.27
N SER A 267 -31.40 -4.09 13.57
CA SER A 267 -30.38 -5.10 13.23
C SER A 267 -30.54 -5.62 11.78
N PRO A 268 -29.46 -5.63 10.97
CA PRO A 268 -29.51 -6.31 9.67
C PRO A 268 -30.01 -7.76 9.77
N ALA B 4 20.51 -1.64 -7.87
CA ALA B 4 20.34 -0.16 -7.68
C ALA B 4 18.88 0.32 -7.87
N TYR B 5 18.24 -0.08 -8.96
CA TYR B 5 16.83 0.26 -9.24
C TYR B 5 15.82 -0.48 -8.35
N SER B 6 14.87 0.29 -7.80
CA SER B 6 13.70 -0.26 -7.10
C SER B 6 12.42 0.25 -7.75
N PHE B 7 11.58 -0.66 -8.22
CA PHE B 7 10.38 -0.26 -8.97
C PHE B 7 9.07 -0.70 -8.31
N LYS B 8 8.13 0.25 -8.19
CA LYS B 8 6.76 -0.05 -7.77
C LYS B 8 5.89 -0.25 -9.01
N VAL B 9 5.25 -1.41 -9.10
CA VAL B 9 4.35 -1.73 -10.21
C VAL B 9 2.94 -2.08 -9.69
N VAL B 10 1.95 -1.28 -10.05
CA VAL B 10 0.56 -1.59 -9.65
C VAL B 10 -0.06 -2.58 -10.65
N LEU B 11 -0.86 -3.53 -10.13
CA LEU B 11 -1.58 -4.52 -10.91
C LEU B 11 -3.09 -4.20 -10.90
N LEU B 12 -3.66 -4.00 -12.09
CA LEU B 12 -5.07 -3.59 -12.18
C LEU B 12 -5.91 -4.65 -12.89
N GLY B 13 -7.16 -4.81 -12.45
CA GLY B 13 -8.08 -5.78 -13.02
C GLY B 13 -8.94 -6.38 -11.91
N GLU B 14 -10.14 -6.82 -12.26
CA GLU B 14 -10.91 -7.67 -11.35
C GLU B 14 -10.35 -9.09 -11.36
N GLY B 15 -10.56 -9.80 -10.26
CA GLY B 15 -10.21 -11.22 -10.12
C GLY B 15 -10.56 -12.09 -11.31
N CYS B 16 -11.72 -11.84 -11.92
CA CYS B 16 -12.19 -12.70 -13.03
C CYS B 16 -11.41 -12.54 -14.35
N VAL B 17 -10.55 -11.52 -14.47
CA VAL B 17 -9.71 -11.40 -15.68
C VAL B 17 -8.44 -12.26 -15.58
N GLY B 18 -8.26 -12.90 -14.42
CA GLY B 18 -7.17 -13.87 -14.22
C GLY B 18 -5.84 -13.22 -13.88
N LYS B 19 -5.88 -11.98 -13.36
CA LYS B 19 -4.66 -11.27 -12.95
C LYS B 19 -3.83 -12.00 -11.89
N THR B 20 -4.50 -12.70 -10.99
CA THR B 20 -3.80 -13.33 -9.87
C THR B 20 -3.00 -14.53 -10.34
N SER B 21 -3.61 -15.38 -11.17
CA SER B 21 -2.89 -16.52 -11.75
C SER B 21 -1.64 -16.05 -12.49
N LEU B 22 -1.78 -14.92 -13.17
CA LEU B 22 -0.75 -14.34 -14.00
C LEU B 22 0.46 -13.95 -13.14
N VAL B 23 0.22 -13.21 -12.06
CA VAL B 23 1.32 -12.83 -11.18
C VAL B 23 1.88 -14.01 -10.34
N LEU B 24 1.02 -14.97 -9.97
CA LEU B 24 1.52 -16.16 -9.27
C LEU B 24 2.43 -16.97 -10.19
N ARG B 25 2.01 -17.15 -11.45
CA ARG B 25 2.87 -17.74 -12.50
C ARG B 25 4.26 -17.14 -12.46
N TYR B 26 4.33 -15.80 -12.50
CA TYR B 26 5.61 -15.11 -12.51
C TYR B 26 6.42 -15.18 -11.20
N CYS B 27 5.76 -14.91 -10.09
CA CYS B 27 6.42 -14.89 -8.78
C CYS B 27 6.24 -16.23 -8.10
N THR B 37 0.74 -23.26 -0.93
CA THR B 37 1.57 -22.83 0.20
C THR B 37 1.74 -21.30 0.29
N THR B 38 1.65 -20.63 -0.86
CA THR B 38 1.69 -19.16 -0.92
C THR B 38 0.64 -18.60 0.04
N LEU B 39 1.05 -17.75 0.97
CA LEU B 39 0.12 -17.14 1.91
C LEU B 39 -0.85 -16.15 1.24
N GLN B 40 -0.30 -15.25 0.44
CA GLN B 40 -1.07 -14.13 -0.12
C GLN B 40 -0.58 -13.77 -1.53
N ALA B 41 -1.44 -13.13 -2.31
CA ALA B 41 -1.09 -12.75 -3.66
C ALA B 41 -1.35 -11.28 -3.92
N SER B 42 -1.25 -10.44 -2.87
CA SER B 42 -1.57 -9.02 -2.97
C SER B 42 -0.31 -8.18 -3.12
N PHE B 43 0.75 -8.59 -2.44
CA PHE B 43 2.03 -7.94 -2.52
C PHE B 43 3.09 -8.99 -2.86
N LEU B 44 3.76 -8.78 -3.98
CA LEU B 44 4.63 -9.80 -4.53
C LEU B 44 5.90 -9.14 -5.02
N THR B 45 7.02 -9.83 -4.92
CA THR B 45 8.30 -9.24 -5.27
C THR B 45 9.10 -10.17 -6.18
N LYS B 46 10.03 -9.58 -6.92
CA LYS B 46 10.98 -10.32 -7.74
C LYS B 46 12.30 -9.56 -7.71
N LYS B 47 13.40 -10.29 -7.50
CA LYS B 47 14.74 -9.71 -7.67
C LYS B 47 15.27 -10.10 -9.05
N LEU B 48 15.60 -9.09 -9.86
CA LEU B 48 16.02 -9.31 -11.24
C LEU B 48 17.38 -8.71 -11.53
N ASN B 49 18.05 -9.30 -12.51
CA ASN B 49 19.28 -8.76 -13.07
C ASN B 49 19.15 -8.51 -14.58
N ILE B 50 19.29 -7.26 -14.99
CA ILE B 50 19.07 -6.86 -16.38
C ILE B 50 20.25 -6.04 -16.91
N GLY B 51 20.96 -6.60 -17.87
CA GLY B 51 22.21 -6.01 -18.39
C GLY B 51 23.17 -5.76 -17.25
N GLY B 52 23.35 -6.77 -16.40
CA GLY B 52 24.21 -6.68 -15.22
C GLY B 52 23.79 -5.60 -14.24
N LYS B 53 22.57 -5.09 -14.41
CA LYS B 53 21.97 -4.12 -13.47
C LYS B 53 20.92 -4.82 -12.61
N ARG B 54 20.99 -4.58 -11.30
CA ARG B 54 20.12 -5.24 -10.33
C ARG B 54 18.77 -4.52 -10.20
N VAL B 55 17.68 -5.29 -10.18
CA VAL B 55 16.32 -4.72 -10.15
C VAL B 55 15.47 -5.36 -9.07
N ASN B 56 14.99 -4.53 -8.15
CA ASN B 56 13.98 -4.96 -7.20
C ASN B 56 12.58 -4.59 -7.70
N LEU B 57 11.80 -5.62 -8.01
CA LEU B 57 10.42 -5.45 -8.47
C LEU B 57 9.45 -5.74 -7.34
N ALA B 58 8.53 -4.80 -7.08
CA ALA B 58 7.42 -5.00 -6.14
C ALA B 58 6.10 -4.87 -6.89
N ILE B 59 5.30 -5.93 -6.85
CA ILE B 59 4.01 -5.93 -7.48
C ILE B 59 2.93 -5.63 -6.44
N TRP B 60 2.24 -4.51 -6.60
CA TRP B 60 1.19 -4.09 -5.67
C TRP B 60 -0.17 -4.36 -6.30
N ASP B 61 -0.85 -5.42 -5.87
CA ASP B 61 -2.21 -5.65 -6.37
C ASP B 61 -3.17 -4.56 -5.90
N THR B 62 -4.06 -4.11 -6.79
CA THR B 62 -5.06 -3.11 -6.41
C THR B 62 -6.50 -3.67 -6.56
N ALA B 63 -7.38 -3.35 -5.63
CA ALA B 63 -8.74 -3.92 -5.59
C ALA B 63 -9.52 -3.43 -6.82
N GLY B 64 -9.99 -4.36 -7.64
CA GLY B 64 -10.62 -4.02 -8.93
C GLY B 64 -12.12 -3.81 -8.94
N GLN B 65 -12.78 -4.15 -7.83
CA GLN B 65 -14.23 -4.01 -7.75
C GLN B 65 -14.68 -2.56 -7.88
N GLU B 66 -15.82 -2.38 -8.52
CA GLU B 66 -16.42 -1.07 -8.69
C GLU B 66 -16.59 -0.24 -7.42
N ARG B 67 -17.03 -0.88 -6.32
CA ARG B 67 -17.14 -0.20 -5.00
C ARG B 67 -15.85 0.47 -4.52
N PHE B 68 -14.71 0.04 -5.06
CA PHE B 68 -13.41 0.62 -4.68
C PHE B 68 -12.87 1.60 -5.71
N HIS B 69 -13.74 2.07 -6.59
CA HIS B 69 -13.26 2.89 -7.72
C HIS B 69 -12.55 4.18 -7.34
N ALA B 70 -12.98 4.85 -6.28
CA ALA B 70 -12.38 6.13 -5.90
C ALA B 70 -11.00 5.99 -5.22
N LEU B 71 -10.59 4.75 -4.93
CA LEU B 71 -9.37 4.50 -4.13
C LEU B 71 -8.09 4.35 -4.95
N GLY B 72 -8.26 4.12 -6.24
CA GLY B 72 -7.14 3.92 -7.18
C GLY B 72 -5.94 4.80 -6.94
N PRO B 73 -6.10 6.13 -7.02
CA PRO B 73 -5.05 7.12 -6.78
C PRO B 73 -4.19 6.87 -5.55
N ILE B 74 -4.82 6.47 -4.44
CA ILE B 74 -4.10 6.13 -3.20
C ILE B 74 -3.11 5.01 -3.48
N TYR B 75 -3.57 3.95 -4.13
CA TYR B 75 -2.67 2.88 -4.57
C TYR B 75 -1.61 3.33 -5.59
N TYR B 76 -2.03 4.14 -6.58
CA TYR B 76 -1.17 4.41 -7.77
C TYR B 76 -0.01 5.37 -7.50
N ARG B 77 -0.12 6.14 -6.42
CA ARG B 77 0.87 7.15 -6.06
C ARG B 77 2.31 6.62 -6.09
N ASP B 78 3.15 7.30 -6.88
CA ASP B 78 4.58 7.00 -7.00
C ASP B 78 4.89 5.68 -7.68
N SER B 79 3.92 5.09 -8.38
CA SER B 79 4.19 3.89 -9.17
C SER B 79 5.20 4.21 -10.25
N ASN B 80 6.00 3.21 -10.61
CA ASN B 80 6.93 3.32 -11.72
C ASN B 80 6.36 2.66 -12.95
N GLY B 81 5.46 1.71 -12.73
CA GLY B 81 4.79 1.02 -13.83
C GLY B 81 3.43 0.49 -13.43
N ALA B 82 2.64 0.06 -14.43
CA ALA B 82 1.29 -0.41 -14.19
C ALA B 82 1.00 -1.54 -15.17
N ILE B 83 0.39 -2.60 -14.66
CA ILE B 83 0.01 -3.72 -15.50
C ILE B 83 -1.52 -3.80 -15.43
N LEU B 84 -2.15 -3.48 -16.56
CA LEU B 84 -3.62 -3.45 -16.65
C LEU B 84 -4.10 -4.65 -17.41
N VAL B 85 -4.75 -5.56 -16.70
CA VAL B 85 -5.16 -6.83 -17.30
C VAL B 85 -6.64 -6.74 -17.69
N TYR B 86 -6.93 -7.23 -18.88
CA TYR B 86 -8.29 -7.45 -19.30
C TYR B 86 -8.40 -8.88 -19.84
N ASP B 87 -9.63 -9.31 -20.07
CA ASP B 87 -9.96 -10.64 -20.55
C ASP B 87 -10.40 -10.44 -22.01
N ILE B 88 -9.70 -11.07 -22.95
CA ILE B 88 -9.95 -10.85 -24.39
C ILE B 88 -11.37 -11.24 -24.84
N THR B 89 -12.07 -12.03 -24.02
CA THR B 89 -13.43 -12.45 -24.30
C THR B 89 -14.47 -11.46 -23.71
N ASP B 90 -14.00 -10.45 -22.99
CA ASP B 90 -14.90 -9.54 -22.27
C ASP B 90 -14.56 -8.09 -22.60
N GLU B 91 -15.32 -7.54 -23.55
CA GLU B 91 -15.13 -6.17 -23.97
C GLU B 91 -15.37 -5.15 -22.84
N ASP B 92 -16.19 -5.51 -21.85
CA ASP B 92 -16.39 -4.63 -20.70
C ASP B 92 -15.10 -4.49 -19.87
N SER B 93 -14.34 -5.57 -19.78
CA SER B 93 -13.05 -5.59 -19.06
C SER B 93 -12.03 -4.69 -19.74
N PHE B 94 -12.09 -4.60 -21.07
CA PHE B 94 -11.25 -3.70 -21.85
C PHE B 94 -11.64 -2.23 -21.66
N GLN B 95 -12.96 -1.98 -21.66
CA GLN B 95 -13.47 -0.64 -21.35
C GLN B 95 -12.94 -0.17 -19.98
N LYS B 96 -12.90 -1.07 -19.00
CA LYS B 96 -12.35 -0.72 -17.67
C LYS B 96 -10.91 -0.25 -17.73
N VAL B 97 -10.10 -0.90 -18.56
CA VAL B 97 -8.69 -0.50 -18.75
C VAL B 97 -8.57 0.95 -19.23
N LYS B 98 -9.38 1.33 -20.20
CA LYS B 98 -9.33 2.68 -20.74
C LYS B 98 -9.59 3.76 -19.66
N ASN B 99 -10.51 3.49 -18.74
CA ASN B 99 -10.78 4.40 -17.64
C ASN B 99 -9.64 4.42 -16.63
N TRP B 100 -9.07 3.25 -16.35
CA TRP B 100 -7.88 3.16 -15.47
C TRP B 100 -6.67 3.93 -16.01
N VAL B 101 -6.45 3.83 -17.32
CA VAL B 101 -5.39 4.59 -17.98
C VAL B 101 -5.56 6.10 -17.75
N LYS B 102 -6.78 6.61 -17.92
CA LYS B 102 -7.07 8.02 -17.62
C LYS B 102 -6.66 8.43 -16.21
N GLU B 103 -6.95 7.57 -15.23
CA GLU B 103 -6.54 7.82 -13.84
C GLU B 103 -5.03 7.81 -13.66
N LEU B 104 -4.38 6.81 -14.22
CA LEU B 104 -2.94 6.62 -14.10
C LEU B 104 -2.17 7.81 -14.69
N ARG B 105 -2.74 8.40 -15.73
CA ARG B 105 -2.16 9.56 -16.42
C ARG B 105 -2.37 10.87 -15.70
N LYS B 106 -3.20 10.88 -14.65
CA LYS B 106 -3.36 12.07 -13.80
C LYS B 106 -2.61 12.00 -12.47
N MET B 107 -1.68 11.05 -12.37
CA MET B 107 -0.90 10.88 -11.16
C MET B 107 0.29 11.82 -11.22
N LEU B 108 0.41 12.66 -10.20
CA LEU B 108 1.51 13.61 -10.08
C LEU B 108 2.86 12.90 -9.95
N GLY B 109 3.75 13.18 -10.91
CA GLY B 109 5.08 12.59 -10.92
C GLY B 109 5.47 12.27 -12.34
N ASN B 110 6.48 11.43 -12.48
CA ASN B 110 6.94 10.94 -13.78
C ASN B 110 5.91 10.07 -14.51
N GLU B 111 6.07 9.90 -15.83
CA GLU B 111 5.17 9.04 -16.60
C GLU B 111 5.33 7.59 -16.14
N ILE B 112 4.24 7.04 -15.63
CA ILE B 112 4.16 5.63 -15.26
C ILE B 112 4.23 4.80 -16.55
N CYS B 113 5.08 3.77 -16.58
CA CYS B 113 5.14 2.84 -17.73
C CYS B 113 4.00 1.84 -17.75
N LEU B 114 3.16 1.94 -18.77
CA LEU B 114 1.92 1.15 -18.84
C LEU B 114 2.03 -0.11 -19.68
N CYS B 115 1.47 -1.19 -19.15
CA CYS B 115 1.24 -2.42 -19.93
C CYS B 115 -0.23 -2.72 -19.95
N ILE B 116 -0.75 -2.96 -21.16
CA ILE B 116 -2.13 -3.38 -21.36
C ILE B 116 -2.10 -4.86 -21.76
N VAL B 117 -2.64 -5.71 -20.91
CA VAL B 117 -2.44 -7.13 -21.06
C VAL B 117 -3.75 -7.84 -21.37
N GLY B 118 -3.80 -8.38 -22.59
CA GLY B 118 -4.92 -9.17 -23.05
C GLY B 118 -4.77 -10.62 -22.62
N ASN B 119 -5.41 -10.97 -21.50
CA ASN B 119 -5.27 -12.31 -20.93
C ASN B 119 -6.26 -13.32 -21.52
N LYS B 120 -5.91 -14.60 -21.33
CA LYS B 120 -6.67 -15.78 -21.77
C LYS B 120 -6.67 -15.91 -23.28
N ILE B 121 -5.50 -15.78 -23.88
CA ILE B 121 -5.32 -15.94 -25.32
C ILE B 121 -5.53 -17.40 -25.78
N ASP B 122 -5.62 -18.30 -24.79
CA ASP B 122 -6.02 -19.68 -25.01
C ASP B 122 -7.52 -19.80 -25.35
N LEU B 123 -8.24 -18.68 -25.23
CA LEU B 123 -9.66 -18.60 -25.61
C LEU B 123 -9.85 -17.61 -26.77
N GLU B 124 -8.90 -17.63 -27.71
CA GLU B 124 -8.93 -16.75 -28.88
C GLU B 124 -10.12 -17.07 -29.80
N LYS B 125 -10.64 -18.30 -29.70
CA LYS B 125 -11.82 -18.71 -30.45
C LYS B 125 -13.03 -17.86 -30.05
N GLU B 126 -13.04 -17.43 -28.79
CA GLU B 126 -14.14 -16.70 -28.21
C GLU B 126 -13.84 -15.21 -27.97
N ARG B 127 -12.83 -14.64 -28.64
CA ARG B 127 -12.40 -13.28 -28.29
C ARG B 127 -13.40 -12.23 -28.76
N HIS B 128 -13.56 -11.18 -27.96
CA HIS B 128 -14.47 -10.08 -28.28
C HIS B 128 -13.73 -8.77 -28.51
N VAL B 129 -12.51 -8.71 -28.04
CA VAL B 129 -11.70 -7.53 -28.25
C VAL B 129 -10.70 -7.88 -29.33
N SER B 130 -10.73 -7.15 -30.44
CA SER B 130 -9.82 -7.45 -31.54
C SER B 130 -8.41 -7.06 -31.17
N ILE B 131 -7.45 -7.79 -31.72
CA ILE B 131 -6.04 -7.46 -31.53
C ILE B 131 -5.76 -6.06 -32.04
N GLN B 132 -6.31 -5.72 -33.21
CA GLN B 132 -6.08 -4.39 -33.76
C GLN B 132 -6.61 -3.29 -32.84
N GLU B 133 -7.79 -3.46 -32.26
CA GLU B 133 -8.32 -2.42 -31.35
C GLU B 133 -7.42 -2.25 -30.11
N ALA B 134 -7.01 -3.37 -29.52
CA ALA B 134 -6.20 -3.37 -28.30
C ALA B 134 -4.81 -2.74 -28.52
N GLU B 135 -4.14 -3.12 -29.61
CA GLU B 135 -2.80 -2.62 -29.92
C GLU B 135 -2.80 -1.16 -30.32
N SER B 136 -3.81 -0.78 -31.11
CA SER B 136 -4.02 0.60 -31.51
C SER B 136 -4.42 1.48 -30.31
N TYR B 137 -5.27 0.97 -29.43
CA TYR B 137 -5.53 1.71 -28.20
C TYR B 137 -4.21 1.90 -27.40
N ALA B 138 -3.47 0.82 -27.17
CA ALA B 138 -2.22 0.90 -26.39
C ALA B 138 -1.27 1.98 -26.91
N GLU B 139 -0.97 1.93 -28.21
CA GLU B 139 -0.15 2.96 -28.87
C GLU B 139 -0.67 4.37 -28.63
N SER B 140 -1.99 4.54 -28.66
CA SER B 140 -2.56 5.87 -28.54
C SER B 140 -2.30 6.51 -27.18
N VAL B 141 -2.09 5.68 -26.16
CA VAL B 141 -1.87 6.18 -24.79
C VAL B 141 -0.41 5.95 -24.34
N GLY B 142 0.47 5.71 -25.30
CA GLY B 142 1.90 5.47 -25.01
C GLY B 142 2.15 4.20 -24.22
N ALA B 143 1.22 3.25 -24.30
CA ALA B 143 1.34 1.97 -23.60
C ALA B 143 1.87 0.92 -24.54
N LYS B 144 2.22 -0.24 -23.98
CA LYS B 144 2.59 -1.38 -24.76
C LYS B 144 1.53 -2.43 -24.45
N HIS B 145 1.22 -3.26 -25.46
CA HIS B 145 0.24 -4.32 -25.34
C HIS B 145 0.92 -5.68 -25.38
N TYR B 146 0.43 -6.60 -24.57
CA TYR B 146 0.96 -7.95 -24.48
C TYR B 146 -0.17 -8.96 -24.47
N HIS B 147 0.08 -10.12 -25.04
CA HIS B 147 -0.86 -11.21 -24.95
C HIS B 147 -0.29 -12.20 -23.93
N THR B 148 -1.16 -12.73 -23.07
CA THR B 148 -0.77 -13.75 -22.13
C THR B 148 -1.81 -14.84 -22.06
N SER B 149 -1.38 -15.99 -21.58
CA SER B 149 -2.26 -17.05 -21.15
C SER B 149 -1.73 -17.59 -19.83
N ALA B 150 -2.33 -17.17 -18.72
CA ALA B 150 -1.92 -17.71 -17.41
C ALA B 150 -2.18 -19.21 -17.40
N LYS B 151 -3.29 -19.62 -18.01
CA LYS B 151 -3.69 -21.02 -18.13
C LYS B 151 -2.58 -21.90 -18.73
N GLN B 152 -1.96 -21.41 -19.80
CA GLN B 152 -0.92 -22.15 -20.53
C GLN B 152 0.50 -21.60 -20.33
N ASN B 153 0.65 -20.77 -19.30
CA ASN B 153 1.91 -20.07 -19.00
C ASN B 153 2.68 -19.50 -20.21
N LYS B 154 1.99 -18.67 -21.00
CA LYS B 154 2.60 -17.94 -22.12
C LYS B 154 2.59 -16.43 -21.91
N GLY B 155 3.68 -15.77 -22.28
CA GLY B 155 3.77 -14.29 -22.39
C GLY B 155 4.09 -13.55 -21.11
N ILE B 156 4.01 -14.27 -20.02
CA ILE B 156 4.18 -13.73 -18.68
C ILE B 156 5.59 -13.18 -18.45
N GLU B 157 6.60 -14.01 -18.72
CA GLU B 157 7.99 -13.60 -18.54
C GLU B 157 8.33 -12.37 -19.37
N GLU B 158 7.95 -12.43 -20.65
CA GLU B 158 8.23 -11.35 -21.60
C GLU B 158 7.66 -10.01 -21.12
N LEU B 159 6.43 -10.05 -20.59
CA LEU B 159 5.78 -8.87 -20.06
C LEU B 159 6.64 -8.17 -19.01
N PHE B 160 7.04 -8.92 -17.98
CA PHE B 160 7.71 -8.31 -16.81
C PHE B 160 9.13 -7.86 -17.16
N LEU B 161 9.81 -8.69 -17.96
CA LEU B 161 11.14 -8.37 -18.45
C LEU B 161 11.12 -7.06 -19.23
N ASP B 162 10.18 -6.96 -20.19
CA ASP B 162 10.07 -5.75 -21.01
C ASP B 162 9.73 -4.50 -20.19
N LEU B 163 8.81 -4.66 -19.23
CA LEU B 163 8.40 -3.52 -18.39
C LEU B 163 9.57 -2.94 -17.59
N CYS B 164 10.38 -3.83 -17.00
CA CYS B 164 11.57 -3.38 -16.26
C CYS B 164 12.54 -2.66 -17.19
N LYS B 165 12.82 -3.26 -18.33
CA LYS B 165 13.59 -2.57 -19.38
C LYS B 165 13.02 -1.17 -19.58
N ARG B 166 11.71 -1.08 -19.78
CA ARG B 166 11.07 0.21 -20.01
C ARG B 166 11.20 1.17 -18.83
N MET B 167 11.13 0.65 -17.61
CA MET B 167 11.20 1.49 -16.41
C MET B 167 12.61 2.01 -16.11
N ILE B 168 13.61 1.23 -16.52
CA ILE B 168 15.01 1.66 -16.49
C ILE B 168 15.27 2.82 -17.48
N GLU B 169 14.84 2.63 -18.74
CA GLU B 169 15.03 3.61 -19.83
C GLU B 169 14.84 5.07 -19.38
#